data_9DZX
#
_entry.id   9DZX
#
_cell.length_a   38.118
_cell.length_b   75.126
_cell.length_c   129.335
_cell.angle_alpha   90.000
_cell.angle_beta   90.000
_cell.angle_gamma   90.000
#
_symmetry.space_group_name_H-M   'P 21 21 21'
#
loop_
_entity.id
_entity.type
_entity.pdbx_description
1 polymer 'Putative coatomer subunit alpha'
2 polymer SER-HIS-GLU-ASP
3 non-polymer 1,2-ETHANEDIOL
4 non-polymer GLYCEROL
5 water water
#
loop_
_entity_poly.entity_id
_entity_poly.type
_entity_poly.pdbx_seq_one_letter_code
_entity_poly.pdbx_strand_id
1 'polypeptide(L)'
;MWSHPQFEKSAGHHHHHHGSDSEVNQEAKPEVKPEVKPETHINLKVSDGSSEIFFKIKKTTPLRRLMEAFAKRQGKEMDS
LRFLYDGIRIQADQTPEDLDMEDNDIIEAHREQIGGSMEMLTKFESRSSRAKGVAFHPTQPWILTSLHNGRIQLWDYRMG
TLLDRFDGHDGPVRGIAFHPTQPLFVSGGDDYKVNVWNYKSRKLLFSLCGHMDYVRVCTFHHEYPWILSCSDDQTIRIWN
WQSRNCIAILTGHSHYVMCAAFHPSEDLIVSASLDQTVRVWDISGLRMKNAAPVSMSKEDQKAQAHNSKSNDKKGSTDAI
VKFVLEGHDRGVNWCAFHPTLPLILSAGDDRLVKLWRMTASKAWEVDTCRGHFNNVSCCLFHPHQELILSASEDKTIRVW
DLNRRTAVQTFRRDNDRFWFITVHPKLNLFAAAHDSGVMVFKLE
;
A
2 'polypeptide(L)' NISSHED B
#
# COMPACT_ATOMS: atom_id res chain seq x y z
N SER A 117 -19.36 -6.69 -17.70
CA SER A 117 -19.71 -5.91 -16.52
C SER A 117 -19.59 -6.76 -15.26
N MET A 118 -19.48 -6.10 -14.11
CA MET A 118 -19.39 -6.79 -12.83
C MET A 118 -20.18 -6.00 -11.79
N GLU A 119 -20.52 -6.68 -10.71
CA GLU A 119 -21.27 -6.08 -9.61
C GLU A 119 -20.44 -6.05 -8.36
N MET A 120 -20.66 -5.02 -7.56
CA MET A 120 -20.00 -4.91 -6.27
C MET A 120 -21.00 -5.31 -5.18
N LEU A 121 -20.65 -6.36 -4.43
CA LEU A 121 -21.49 -6.90 -3.37
C LEU A 121 -20.91 -6.38 -2.06
N THR A 122 -21.49 -5.28 -1.58
CA THR A 122 -20.98 -4.63 -0.38
C THR A 122 -21.29 -5.46 0.84
N LYS A 123 -20.27 -5.74 1.66
CA LYS A 123 -20.41 -6.52 2.88
C LYS A 123 -20.34 -5.68 4.14
N PHE A 124 -19.71 -4.51 4.08
CA PHE A 124 -19.57 -3.65 5.24
C PHE A 124 -19.19 -2.25 4.79
N GLU A 125 -19.75 -1.25 5.46
CA GLU A 125 -19.34 0.14 5.26
C GLU A 125 -19.19 0.82 6.60
N SER A 126 -18.09 1.55 6.77
CA SER A 126 -17.96 2.47 7.89
C SER A 126 -18.25 3.88 7.40
N ARG A 127 -18.82 4.68 8.27
CA ARG A 127 -19.01 6.10 8.05
C ARG A 127 -18.08 6.84 8.99
N SER A 128 -17.18 7.63 8.44
CA SER A 128 -16.18 8.32 9.24
C SER A 128 -15.72 9.54 8.47
N SER A 129 -14.87 10.34 9.10
CA SER A 129 -14.11 11.30 8.35
C SER A 129 -13.12 10.55 7.45
N ARG A 130 -12.41 11.30 6.61
CA ARG A 130 -11.63 10.71 5.52
C ARG A 130 -10.73 9.59 6.00
N ALA A 131 -10.82 8.46 5.32
CA ALA A 131 -9.98 7.30 5.59
C ALA A 131 -8.82 7.26 4.61
N LYS A 132 -7.66 6.85 5.08
CA LYS A 132 -6.46 6.82 4.26
C LYS A 132 -5.94 5.41 4.01
N GLY A 133 -5.76 4.62 5.05
CA GLY A 133 -5.27 3.24 4.90
C GLY A 133 -6.27 2.22 5.41
N VAL A 134 -6.19 1.01 4.83
CA VAL A 134 -6.97 -0.12 5.32
C VAL A 134 -6.06 -1.35 5.32
N ALA A 135 -6.21 -2.19 6.35
CA ALA A 135 -5.49 -3.46 6.38
C ALA A 135 -6.41 -4.58 6.82
N PHE A 136 -6.46 -5.64 6.03
CA PHE A 136 -7.18 -6.87 6.38
C PHE A 136 -6.34 -7.72 7.32
N HIS A 137 -6.95 -8.20 8.40
CA HIS A 137 -6.30 -9.23 9.19
C HIS A 137 -6.36 -10.56 8.42
N PRO A 138 -5.31 -11.38 8.47
CA PRO A 138 -5.28 -12.58 7.61
C PRO A 138 -6.23 -13.68 8.04
N THR A 139 -6.55 -13.81 9.33
CA THR A 139 -7.37 -14.93 9.79
C THR A 139 -8.61 -14.52 10.56
N GLN A 140 -8.66 -13.34 11.15
CA GLN A 140 -9.82 -12.80 11.85
C GLN A 140 -10.60 -11.87 10.93
N PRO A 141 -11.92 -11.71 11.14
CA PRO A 141 -12.74 -10.87 10.24
C PRO A 141 -12.63 -9.39 10.57
N TRP A 142 -11.40 -8.88 10.55
CA TRP A 142 -11.10 -7.53 10.99
C TRP A 142 -10.48 -6.71 9.86
N ILE A 143 -10.75 -5.40 9.88
CA ILE A 143 -9.93 -4.44 9.18
C ILE A 143 -9.47 -3.36 10.16
N LEU A 144 -8.22 -2.94 10.01
CA LEU A 144 -7.78 -1.66 10.53
C LEU A 144 -8.02 -0.58 9.50
N THR A 145 -8.47 0.59 9.94
CA THR A 145 -8.61 1.74 9.07
C THR A 145 -7.89 2.91 9.71
N SER A 146 -6.96 3.53 8.98
CA SER A 146 -6.23 4.67 9.52
C SER A 146 -6.78 5.95 8.90
N LEU A 147 -7.03 6.98 9.72
CA LEU A 147 -7.82 8.11 9.28
C LEU A 147 -6.97 9.38 9.14
N HIS A 148 -7.48 10.28 8.31
CA HIS A 148 -6.83 11.59 8.15
C HIS A 148 -6.75 12.35 9.47
N ASN A 149 -7.66 12.06 10.41
CA ASN A 149 -7.66 12.81 11.66
C ASN A 149 -6.70 12.27 12.70
N GLY A 150 -5.92 11.23 12.38
CA GLY A 150 -4.95 10.67 13.31
C GLY A 150 -5.39 9.44 14.06
N ARG A 151 -6.66 9.06 13.98
CA ARG A 151 -7.19 7.91 14.69
C ARG A 151 -7.07 6.66 13.83
N ILE A 152 -6.84 5.52 14.50
CA ILE A 152 -6.88 4.19 13.87
C ILE A 152 -8.06 3.45 14.45
N GLN A 153 -8.92 2.92 13.59
CA GLN A 153 -10.07 2.12 14.03
C GLN A 153 -9.84 0.66 13.71
N LEU A 154 -10.36 -0.23 14.56
CA LEU A 154 -10.37 -1.66 14.29
C LEU A 154 -11.82 -2.10 14.24
N TRP A 155 -12.25 -2.58 13.06
CA TRP A 155 -13.62 -2.99 12.76
C TRP A 155 -13.69 -4.49 12.55
N ASP A 156 -14.80 -5.09 13.04
CA ASP A 156 -15.21 -6.44 12.69
C ASP A 156 -16.23 -6.32 11.56
N TYR A 157 -15.85 -6.74 10.34
CA TYR A 157 -16.76 -6.56 9.22
C TYR A 157 -17.76 -7.70 9.09
N ARG A 158 -17.62 -8.75 9.89
CA ARG A 158 -18.63 -9.79 9.96
C ARG A 158 -19.79 -9.36 10.87
N MET A 159 -19.46 -8.81 12.04
CA MET A 159 -20.53 -8.26 12.86
C MET A 159 -20.87 -6.82 12.50
N GLY A 160 -19.99 -6.13 11.77
CA GLY A 160 -20.26 -4.77 11.39
C GLY A 160 -20.07 -3.76 12.50
N THR A 161 -19.18 -4.04 13.47
CA THR A 161 -19.07 -3.24 14.67
C THR A 161 -17.64 -2.78 14.89
N LEU A 162 -17.51 -1.67 15.63
CA LEU A 162 -16.19 -1.15 15.99
C LEU A 162 -15.65 -1.91 17.19
N LEU A 163 -14.45 -2.47 17.03
CA LEU A 163 -13.84 -3.26 18.10
C LEU A 163 -12.91 -2.42 18.98
N ASP A 164 -12.16 -1.51 18.37
CA ASP A 164 -11.20 -0.74 19.15
C ASP A 164 -10.87 0.55 18.41
N ARG A 165 -10.34 1.53 19.16
CA ARG A 165 -9.76 2.73 18.60
C ARG A 165 -8.38 2.95 19.20
N PHE A 166 -7.46 3.45 18.38
CA PHE A 166 -6.06 3.61 18.76
C PHE A 166 -5.63 5.01 18.36
N ASP A 167 -5.30 5.84 19.35
CA ASP A 167 -4.91 7.23 19.12
C ASP A 167 -3.45 7.38 19.54
N GLY A 168 -2.56 7.40 18.57
CA GLY A 168 -1.14 7.49 18.90
C GLY A 168 -0.36 8.37 17.94
N HIS A 169 -1.06 9.13 17.10
CA HIS A 169 -0.43 9.99 16.12
C HIS A 169 -1.04 11.38 16.16
N ASP A 170 -0.27 12.35 15.71
CA ASP A 170 -0.76 13.70 15.47
C ASP A 170 -0.79 13.95 13.97
N GLY A 171 -1.98 14.16 13.43
CA GLY A 171 -2.12 14.37 12.02
C GLY A 171 -2.43 13.05 11.32
N PRO A 172 -2.54 13.09 9.99
CA PRO A 172 -3.01 11.91 9.24
C PRO A 172 -2.13 10.68 9.46
N VAL A 173 -2.78 9.52 9.44
CA VAL A 173 -2.10 8.22 9.49
C VAL A 173 -2.34 7.54 8.15
N ARG A 174 -1.31 7.51 7.29
CA ARG A 174 -1.47 6.96 5.95
C ARG A 174 -1.07 5.49 5.86
N GLY A 175 -0.15 5.05 6.72
CA GLY A 175 0.34 3.67 6.69
C GLY A 175 -0.33 2.85 7.78
N ILE A 176 -0.70 1.62 7.43
CA ILE A 176 -1.30 0.71 8.41
C ILE A 176 -1.20 -0.71 7.87
N ALA A 177 -0.81 -1.66 8.73
CA ALA A 177 -0.66 -3.05 8.30
C ALA A 177 -0.62 -3.97 9.52
N PHE A 178 -1.19 -5.17 9.36
CA PHE A 178 -1.06 -6.19 10.39
C PHE A 178 0.19 -7.02 10.16
N HIS A 179 0.78 -7.51 11.26
CA HIS A 179 1.74 -8.60 11.14
C HIS A 179 1.00 -9.87 10.70
N PRO A 180 1.61 -10.71 9.87
CA PRO A 180 0.88 -11.89 9.36
C PRO A 180 0.57 -12.94 10.41
N THR A 181 1.34 -13.02 11.50
CA THR A 181 1.12 -14.08 12.48
C THR A 181 1.18 -13.65 13.93
N GLN A 182 1.85 -12.55 14.26
CA GLN A 182 1.96 -12.01 15.60
C GLN A 182 0.83 -11.03 15.86
N PRO A 183 0.46 -10.82 17.13
CA PRO A 183 -0.64 -9.91 17.50
C PRO A 183 -0.27 -8.44 17.42
N LEU A 184 0.34 -8.04 16.31
CA LEU A 184 0.91 -6.72 16.14
C LEU A 184 0.31 -6.01 14.93
N PHE A 185 0.30 -4.69 14.98
CA PHE A 185 0.13 -3.93 13.75
C PHE A 185 1.04 -2.72 13.78
N VAL A 186 1.30 -2.16 12.60
CA VAL A 186 2.21 -1.02 12.47
C VAL A 186 1.44 0.12 11.82
N SER A 187 1.71 1.35 12.27
CA SER A 187 1.07 2.52 11.68
C SER A 187 2.13 3.54 11.32
N GLY A 188 1.82 4.38 10.32
CA GLY A 188 2.79 5.38 9.87
C GLY A 188 2.11 6.71 9.66
N GLY A 189 2.67 7.78 10.24
CA GLY A 189 1.96 9.03 10.30
C GLY A 189 2.65 10.22 9.66
N ASP A 190 1.86 11.27 9.44
CA ASP A 190 2.43 12.56 9.04
C ASP A 190 3.26 13.17 10.16
N ASP A 191 3.23 12.62 11.37
CA ASP A 191 4.15 13.05 12.42
C ASP A 191 5.48 12.34 12.33
N TYR A 192 5.71 11.60 11.25
CA TYR A 192 6.97 10.98 10.86
C TYR A 192 7.22 9.69 11.63
N LYS A 193 6.35 9.26 12.53
CA LYS A 193 6.66 8.07 13.32
C LYS A 193 6.09 6.81 12.70
N VAL A 194 6.81 5.71 12.91
CA VAL A 194 6.37 4.36 12.58
C VAL A 194 6.08 3.66 13.90
N ASN A 195 4.81 3.50 14.25
CA ASN A 195 4.42 2.98 15.56
C ASN A 195 4.06 1.51 15.49
N VAL A 196 4.51 0.74 16.48
CA VAL A 196 4.22 -0.68 16.56
C VAL A 196 3.35 -0.91 17.78
N TRP A 197 2.20 -1.59 17.56
CA TRP A 197 1.13 -1.77 18.50
C TRP A 197 0.86 -3.26 18.70
N ASN A 198 0.36 -3.62 19.88
CA ASN A 198 -0.14 -4.96 20.17
C ASN A 198 -1.65 -4.88 20.32
N TYR A 199 -2.39 -5.56 19.45
CA TYR A 199 -3.84 -5.42 19.48
C TYR A 199 -4.49 -6.27 20.57
N LYS A 200 -3.73 -7.18 21.19
CA LYS A 200 -4.30 -7.94 22.31
C LYS A 200 -4.20 -7.17 23.61
N SER A 201 -3.03 -6.61 23.91
CA SER A 201 -2.90 -5.73 25.07
C SER A 201 -3.44 -4.34 24.81
N ARG A 202 -3.71 -4.01 23.54
CA ARG A 202 -4.21 -2.68 23.14
C ARG A 202 -3.24 -1.58 23.55
N LYS A 203 -1.95 -1.84 23.38
CA LYS A 203 -0.90 -0.90 23.78
C LYS A 203 -0.06 -0.51 22.57
N LEU A 204 0.32 0.76 22.52
CA LEU A 204 1.42 1.20 21.66
C LEU A 204 2.72 0.72 22.27
N LEU A 205 3.39 -0.23 21.61
CA LEU A 205 4.59 -0.82 22.19
C LEU A 205 5.78 0.12 22.07
N PHE A 206 5.98 0.66 20.87
CA PHE A 206 7.12 1.57 20.70
C PHE A 206 6.96 2.36 19.41
N SER A 207 7.70 3.48 19.33
CA SER A 207 7.80 4.27 18.11
C SER A 207 9.16 4.02 17.49
N LEU A 208 9.19 3.90 16.16
CA LEU A 208 10.41 3.83 15.38
C LEU A 208 10.58 5.19 14.73
N CYS A 209 11.64 5.89 15.14
CA CYS A 209 11.91 7.25 14.71
C CYS A 209 13.13 7.27 13.80
N GLY A 210 13.10 8.17 12.83
CA GLY A 210 14.16 8.25 11.85
C GLY A 210 13.73 9.01 10.60
N HIS A 211 12.50 8.75 10.13
CA HIS A 211 12.01 9.50 8.99
C HIS A 211 11.91 10.98 9.33
N MET A 212 12.12 11.82 8.31
CA MET A 212 12.15 13.25 8.54
C MET A 212 11.00 13.98 7.85
N ASP A 213 10.04 13.24 7.32
CA ASP A 213 8.85 13.81 6.70
C ASP A 213 7.75 12.76 6.75
N TYR A 214 6.59 13.09 6.19
CA TYR A 214 5.43 12.20 6.27
C TYR A 214 5.78 10.75 5.91
N VAL A 215 5.23 9.80 6.66
CA VAL A 215 5.30 8.39 6.29
C VAL A 215 4.08 8.07 5.42
N ARG A 216 4.34 7.47 4.26
CA ARG A 216 3.26 7.20 3.32
C ARG A 216 2.75 5.77 3.40
N VAL A 217 3.62 4.81 3.68
CA VAL A 217 3.28 3.39 3.71
C VAL A 217 4.13 2.72 4.78
N CYS A 218 3.56 1.74 5.49
CA CYS A 218 4.35 0.82 6.30
C CYS A 218 3.73 -0.58 6.24
N THR A 219 4.58 -1.60 6.11
CA THR A 219 4.12 -3.00 6.02
C THR A 219 5.10 -3.89 6.77
N PHE A 220 4.66 -5.10 7.10
CA PHE A 220 5.53 -6.13 7.65
C PHE A 220 5.98 -7.09 6.55
N HIS A 221 7.20 -7.58 6.66
CA HIS A 221 7.63 -8.70 5.82
C HIS A 221 6.95 -9.99 6.28
N HIS A 222 6.80 -10.94 5.35
CA HIS A 222 6.12 -12.19 5.65
C HIS A 222 7.01 -13.21 6.36
N GLU A 223 8.33 -13.03 6.32
CA GLU A 223 9.25 -14.01 6.90
C GLU A 223 10.31 -13.34 7.78
N TYR A 224 11.02 -12.35 7.25
CA TYR A 224 12.02 -11.66 8.05
C TYR A 224 11.33 -10.79 9.09
N PRO A 225 11.98 -10.54 10.22
CA PRO A 225 11.38 -9.69 11.26
C PRO A 225 11.51 -8.21 10.92
N TRP A 226 10.96 -7.82 9.77
CA TRP A 226 11.19 -6.49 9.23
C TRP A 226 9.89 -5.73 9.05
N ILE A 227 9.99 -4.40 9.24
CA ILE A 227 9.00 -3.42 8.78
C ILE A 227 9.61 -2.64 7.64
N LEU A 228 8.82 -2.42 6.58
CA LEU A 228 9.16 -1.51 5.50
C LEU A 228 8.37 -0.21 5.68
N SER A 229 9.03 0.94 5.55
CA SER A 229 8.31 2.21 5.51
C SER A 229 8.90 3.07 4.41
N CYS A 230 8.10 3.99 3.88
CA CYS A 230 8.64 4.96 2.93
C CYS A 230 8.05 6.33 3.24
N SER A 231 8.71 7.38 2.75
CA SER A 231 8.46 8.71 3.31
C SER A 231 8.64 9.81 2.27
N ASP A 232 7.97 10.93 2.52
CA ASP A 232 8.24 12.16 1.77
C ASP A 232 9.69 12.62 1.91
N ASP A 233 10.42 12.11 2.90
CA ASP A 233 11.85 12.45 3.01
C ASP A 233 12.70 11.77 1.94
N GLN A 234 12.09 11.10 0.96
CA GLN A 234 12.72 10.52 -0.23
C GLN A 234 13.40 9.19 0.08
N THR A 235 13.22 8.62 1.27
CA THR A 235 13.88 7.38 1.62
C THR A 235 12.86 6.26 1.84
N ILE A 236 13.39 5.05 1.74
CA ILE A 236 12.70 3.84 2.18
C ILE A 236 13.49 3.31 3.36
N ARG A 237 12.82 2.98 4.45
CA ARG A 237 13.54 2.43 5.59
C ARG A 237 13.09 1.01 5.86
N ILE A 238 14.06 0.16 6.24
CA ILE A 238 13.78 -1.19 6.73
C ILE A 238 14.21 -1.24 8.19
N TRP A 239 13.29 -1.71 9.03
CA TRP A 239 13.47 -1.78 10.47
C TRP A 239 13.37 -3.23 10.92
N ASN A 240 14.22 -3.61 11.87
CA ASN A 240 14.03 -4.87 12.56
C ASN A 240 13.07 -4.62 13.71
N TRP A 241 11.85 -5.18 13.63
CA TRP A 241 10.89 -4.83 14.67
C TRP A 241 11.13 -5.59 15.96
N GLN A 242 11.87 -6.70 15.91
CA GLN A 242 12.22 -7.44 17.12
C GLN A 242 13.25 -6.69 17.95
N SER A 243 14.33 -6.24 17.31
CA SER A 243 15.36 -5.46 17.98
C SER A 243 15.03 -3.98 18.08
N ARG A 244 14.07 -3.49 17.28
CA ARG A 244 13.62 -2.09 17.28
C ARG A 244 14.69 -1.15 16.74
N ASN A 245 15.36 -1.56 15.67
CA ASN A 245 16.48 -0.84 15.11
C ASN A 245 16.27 -0.66 13.62
N CYS A 246 16.59 0.52 13.10
CA CYS A 246 16.66 0.65 11.65
C CYS A 246 17.84 -0.17 11.12
N ILE A 247 17.61 -1.01 10.12
CA ILE A 247 18.68 -1.81 9.54
C ILE A 247 19.01 -1.41 8.11
N ALA A 248 18.20 -0.56 7.46
CA ALA A 248 18.62 -0.08 6.15
C ALA A 248 17.88 1.19 5.79
N ILE A 249 18.57 2.06 5.05
CA ILE A 249 18.00 3.28 4.49
C ILE A 249 18.29 3.21 2.99
N LEU A 250 17.23 3.10 2.19
CA LEU A 250 17.33 2.97 0.75
C LEU A 250 17.13 4.35 0.13
N THR A 251 18.18 4.87 -0.51
CA THR A 251 18.18 6.21 -1.08
C THR A 251 18.36 6.12 -2.59
N GLY A 252 17.83 7.11 -3.31
CA GLY A 252 17.89 7.07 -4.76
C GLY A 252 16.80 7.89 -5.39
N HIS A 253 15.60 7.82 -4.85
CA HIS A 253 14.52 8.68 -5.32
C HIS A 253 14.85 10.14 -5.05
N SER A 254 14.29 11.04 -5.87
CA SER A 254 14.59 12.46 -5.74
C SER A 254 13.35 13.28 -5.42
N HIS A 255 12.29 12.63 -4.95
CA HIS A 255 11.09 13.30 -4.47
C HIS A 255 10.40 12.33 -3.51
N TYR A 256 9.19 12.68 -3.07
CA TYR A 256 8.49 11.86 -2.10
C TYR A 256 8.43 10.41 -2.57
N VAL A 257 8.68 9.46 -1.66
CA VAL A 257 8.40 8.06 -1.94
C VAL A 257 6.98 7.79 -1.47
N MET A 258 6.08 7.58 -2.42
CA MET A 258 4.66 7.47 -2.15
C MET A 258 4.25 6.03 -1.81
N CYS A 259 5.07 5.06 -2.16
CA CYS A 259 4.68 3.66 -1.97
C CYS A 259 5.94 2.80 -1.98
N ALA A 260 5.94 1.75 -1.19
CA ALA A 260 6.95 0.70 -1.26
C ALA A 260 6.30 -0.61 -0.89
N ALA A 261 6.78 -1.71 -1.47
CA ALA A 261 6.18 -3.02 -1.19
C ALA A 261 7.23 -4.10 -1.33
N PHE A 262 7.16 -5.08 -0.44
CA PHE A 262 7.99 -6.28 -0.53
C PHE A 262 7.45 -7.20 -1.61
N HIS A 263 8.35 -7.86 -2.34
CA HIS A 263 7.96 -8.92 -3.25
C HIS A 263 7.54 -10.16 -2.44
N PRO A 264 6.50 -10.89 -2.86
CA PRO A 264 6.01 -12.00 -2.03
C PRO A 264 6.94 -13.20 -1.98
N SER A 265 7.89 -13.33 -2.89
CA SER A 265 8.73 -14.53 -2.88
C SER A 265 10.19 -14.30 -3.25
N GLU A 266 10.58 -13.10 -3.68
CA GLU A 266 11.96 -12.81 -4.00
C GLU A 266 12.44 -11.61 -3.20
N ASP A 267 13.76 -11.46 -3.12
CA ASP A 267 14.37 -10.39 -2.32
C ASP A 267 14.37 -9.10 -3.11
N LEU A 268 13.16 -8.60 -3.36
CA LEU A 268 12.96 -7.37 -4.11
C LEU A 268 12.01 -6.45 -3.35
N ILE A 269 12.18 -5.14 -3.57
CA ILE A 269 11.23 -4.12 -3.13
C ILE A 269 10.89 -3.31 -4.36
N VAL A 270 9.62 -2.94 -4.51
CA VAL A 270 9.23 -1.98 -5.54
C VAL A 270 8.73 -0.72 -4.85
N SER A 271 9.10 0.44 -5.40
CA SER A 271 8.71 1.72 -4.83
C SER A 271 8.24 2.65 -5.94
N ALA A 272 7.42 3.62 -5.55
CA ALA A 272 6.86 4.61 -6.47
C ALA A 272 7.13 6.00 -5.93
N SER A 273 7.49 6.95 -6.80
CA SER A 273 7.87 8.25 -6.29
C SER A 273 7.30 9.36 -7.13
N LEU A 274 7.11 10.53 -6.50
CA LEU A 274 6.73 11.73 -7.23
C LEU A 274 7.84 12.21 -8.16
N ASP A 275 9.01 11.58 -8.13
CA ASP A 275 10.05 11.88 -9.10
C ASP A 275 9.78 11.25 -10.47
N GLN A 276 8.61 10.64 -10.64
CA GLN A 276 8.06 10.06 -11.87
C GLN A 276 8.57 8.65 -12.15
N THR A 277 9.31 8.04 -11.22
CA THR A 277 9.88 6.72 -11.44
C THR A 277 9.27 5.68 -10.51
N VAL A 278 9.30 4.44 -11.00
CA VAL A 278 9.10 3.25 -10.17
C VAL A 278 10.45 2.57 -10.06
N ARG A 279 10.90 2.26 -8.84
CA ARG A 279 12.19 1.62 -8.66
C ARG A 279 12.02 0.20 -8.15
N VAL A 280 12.84 -0.72 -8.66
CA VAL A 280 12.94 -2.08 -8.15
C VAL A 280 14.31 -2.22 -7.51
N TRP A 281 14.32 -2.64 -6.24
CA TRP A 281 15.51 -2.71 -5.41
C TRP A 281 15.80 -4.16 -5.10
N ASP A 282 17.07 -4.54 -5.27
CA ASP A 282 17.58 -5.85 -4.89
C ASP A 282 18.03 -5.77 -3.43
N ILE A 283 17.34 -6.48 -2.54
CA ILE A 283 17.68 -6.48 -1.13
C ILE A 283 18.35 -7.79 -0.72
N SER A 284 18.78 -8.61 -1.68
CA SER A 284 19.46 -9.84 -1.32
C SER A 284 20.77 -9.55 -0.60
N GLY A 285 21.49 -8.52 -1.04
CA GLY A 285 22.72 -8.12 -0.37
C GLY A 285 22.48 -7.56 1.02
N LEU A 286 21.28 -7.03 1.26
CA LEU A 286 20.94 -6.56 2.59
C LEU A 286 20.75 -7.73 3.55
N ARG A 287 19.92 -8.70 3.14
CA ARG A 287 19.76 -9.91 3.95
C ARG A 287 21.10 -10.55 4.28
N MET A 288 22.08 -10.47 3.38
CA MET A 288 23.38 -11.09 3.60
C MET A 288 24.46 -10.05 3.89
N LYS A 289 24.06 -8.91 4.47
CA LYS A 289 25.01 -7.82 4.74
C LYS A 289 26.19 -8.29 5.59
N ASN A 290 25.95 -9.17 6.55
CA ASN A 290 27.00 -9.63 7.46
C ASN A 290 27.47 -11.04 7.15
N ALA A 291 27.16 -11.56 5.97
CA ALA A 291 27.66 -12.86 5.56
C ALA A 291 29.18 -12.83 5.39
N ALA A 292 29.81 -13.97 5.64
CA ALA A 292 31.27 -14.06 5.50
C ALA A 292 31.66 -13.89 4.04
N PRO A 293 32.88 -13.37 3.80
CA PRO A 293 33.50 -13.21 2.47
C PRO A 293 33.83 -14.56 1.83
N ASP A 318 24.66 -4.40 0.93
CA ASP A 318 23.55 -3.46 1.11
C ASP A 318 22.53 -3.60 -0.02
N ALA A 319 21.43 -2.84 0.08
CA ALA A 319 20.46 -2.81 -1.00
C ALA A 319 20.99 -1.98 -2.16
N ILE A 320 20.52 -2.29 -3.36
CA ILE A 320 20.96 -1.60 -4.56
C ILE A 320 19.78 -1.53 -5.52
N VAL A 321 19.72 -0.47 -6.31
CA VAL A 321 18.62 -0.34 -7.25
C VAL A 321 18.85 -1.28 -8.44
N LYS A 322 17.87 -2.13 -8.71
CA LYS A 322 17.97 -3.06 -9.84
C LYS A 322 17.42 -2.45 -11.11
N PHE A 323 16.20 -1.91 -11.05
CA PHE A 323 15.56 -1.29 -12.21
C PHE A 323 15.04 0.09 -11.85
N VAL A 324 15.16 1.02 -12.79
CA VAL A 324 14.48 2.31 -12.74
C VAL A 324 13.50 2.33 -13.90
N LEU A 325 12.22 2.29 -13.59
CA LEU A 325 11.14 2.22 -14.58
C LEU A 325 10.64 3.63 -14.86
N GLU A 326 10.91 4.08 -16.08
CA GLU A 326 10.59 5.43 -16.53
C GLU A 326 9.52 5.35 -17.60
N GLY A 327 8.60 6.31 -17.57
CA GLY A 327 7.46 6.30 -18.47
C GLY A 327 6.39 7.27 -18.05
N HIS A 328 6.00 7.28 -16.77
CA HIS A 328 5.04 8.26 -16.30
C HIS A 328 5.56 9.68 -16.47
N ASP A 329 4.71 10.58 -16.95
CA ASP A 329 5.14 11.97 -17.10
C ASP A 329 4.79 12.85 -15.90
N ARG A 330 4.25 12.24 -14.83
CA ARG A 330 3.93 12.93 -13.60
C ARG A 330 4.33 12.02 -12.45
N GLY A 331 4.14 12.49 -11.22
CA GLY A 331 4.48 11.68 -10.05
C GLY A 331 3.72 10.36 -10.03
N VAL A 332 4.38 9.34 -9.46
CA VAL A 332 3.79 8.02 -9.29
C VAL A 332 3.37 7.86 -7.83
N ASN A 333 2.12 7.51 -7.60
CA ASN A 333 1.55 7.44 -6.26
C ASN A 333 1.52 6.04 -5.68
N TRP A 334 1.55 5.01 -6.51
CA TRP A 334 1.35 3.65 -6.00
C TRP A 334 2.06 2.64 -6.91
N CYS A 335 2.48 1.53 -6.31
CA CYS A 335 3.02 0.42 -7.08
C CYS A 335 2.64 -0.88 -6.40
N ALA A 336 2.54 -1.94 -7.19
CA ALA A 336 2.15 -3.24 -6.65
C ALA A 336 2.80 -4.37 -7.46
N PHE A 337 3.16 -5.44 -6.76
CA PHE A 337 3.57 -6.69 -7.40
C PHE A 337 2.37 -7.61 -7.60
N HIS A 338 2.42 -8.40 -8.67
CA HIS A 338 1.51 -9.53 -8.82
C HIS A 338 1.91 -10.64 -7.85
N PRO A 339 0.94 -11.38 -7.29
CA PRO A 339 1.30 -12.41 -6.29
C PRO A 339 2.14 -13.55 -6.83
N THR A 340 2.03 -13.89 -8.12
CA THR A 340 2.75 -15.04 -8.67
C THR A 340 3.44 -14.78 -10.01
N LEU A 341 3.00 -13.80 -10.77
CA LEU A 341 3.60 -13.47 -12.05
C LEU A 341 4.60 -12.34 -11.92
N PRO A 342 5.60 -12.25 -12.82
CA PRO A 342 6.61 -11.19 -12.73
C PRO A 342 6.10 -9.86 -13.30
N LEU A 343 5.05 -9.32 -12.67
CA LEU A 343 4.39 -8.11 -13.16
C LEU A 343 4.37 -7.06 -12.08
N ILE A 344 4.38 -5.80 -12.51
CA ILE A 344 4.28 -4.64 -11.64
C ILE A 344 3.16 -3.73 -12.17
N LEU A 345 2.36 -3.16 -11.27
CA LEU A 345 1.42 -2.10 -11.62
C LEU A 345 1.85 -0.81 -10.96
N SER A 346 1.68 0.30 -11.66
CA SER A 346 1.91 1.61 -11.06
C SER A 346 0.79 2.55 -11.46
N ALA A 347 0.58 3.58 -10.65
CA ALA A 347 -0.50 4.52 -10.93
C ALA A 347 -0.07 5.91 -10.50
N GLY A 348 -0.51 6.93 -11.24
CA GLY A 348 0.08 8.23 -11.04
C GLY A 348 -0.83 9.43 -11.24
N ASP A 349 -0.22 10.60 -11.03
CA ASP A 349 -0.87 11.89 -11.27
C ASP A 349 -1.10 12.15 -12.75
N ASP A 350 -0.58 11.30 -13.63
CA ASP A 350 -0.88 11.38 -15.05
C ASP A 350 -2.22 10.74 -15.39
N ARG A 351 -2.96 10.31 -14.37
CA ARG A 351 -4.25 9.63 -14.51
C ARG A 351 -4.14 8.26 -15.16
N LEU A 352 -2.93 7.67 -15.21
CA LEU A 352 -2.71 6.41 -15.90
C LEU A 352 -2.39 5.29 -14.94
N VAL A 353 -2.77 4.06 -15.30
CA VAL A 353 -2.26 2.86 -14.65
C VAL A 353 -1.34 2.16 -15.63
N LYS A 354 -0.11 1.87 -15.23
CA LYS A 354 0.83 1.23 -16.15
C LYS A 354 1.15 -0.17 -15.67
N LEU A 355 1.23 -1.10 -16.62
CA LEU A 355 1.63 -2.47 -16.39
C LEU A 355 3.03 -2.69 -16.97
N TRP A 356 3.91 -3.27 -16.13
CA TRP A 356 5.30 -3.57 -16.43
C TRP A 356 5.57 -5.05 -16.20
N ARG A 357 6.56 -5.56 -16.93
CA ARG A 357 6.98 -6.96 -16.81
C ARG A 357 8.47 -7.00 -16.52
N MET A 358 8.92 -8.01 -15.78
CA MET A 358 10.35 -8.10 -15.52
C MET A 358 10.83 -9.54 -15.65
N THR A 359 12.16 -9.67 -15.80
CA THR A 359 12.90 -10.91 -15.59
C THR A 359 14.02 -10.64 -14.61
N ALA A 360 14.90 -11.62 -14.40
CA ALA A 360 16.07 -11.41 -13.56
C ALA A 360 17.00 -10.35 -14.12
N SER A 361 16.92 -10.05 -15.41
CA SER A 361 17.87 -9.11 -16.00
C SER A 361 17.26 -7.89 -16.65
N LYS A 362 15.95 -7.85 -16.93
CA LYS A 362 15.35 -6.70 -17.61
C LYS A 362 13.95 -6.42 -17.08
N ALA A 363 13.52 -5.18 -17.28
CA ALA A 363 12.15 -4.78 -16.96
C ALA A 363 11.68 -3.77 -17.99
N TRP A 364 10.40 -3.83 -18.35
CA TRP A 364 9.91 -2.99 -19.44
C TRP A 364 8.42 -2.74 -19.29
N GLU A 365 7.96 -1.64 -19.88
CA GLU A 365 6.55 -1.29 -19.87
C GLU A 365 5.77 -2.15 -20.86
N VAL A 366 4.64 -2.70 -20.41
CA VAL A 366 3.80 -3.55 -21.25
C VAL A 366 2.63 -2.77 -21.82
N ASP A 367 1.92 -2.00 -20.99
CA ASP A 367 0.71 -1.35 -21.49
C ASP A 367 0.18 -0.37 -20.45
N THR A 368 -0.86 0.36 -20.84
CA THR A 368 -1.45 1.45 -20.05
C THR A 368 -2.97 1.30 -20.02
N CYS A 369 -3.54 1.39 -18.82
CA CYS A 369 -4.96 1.57 -18.61
C CYS A 369 -5.26 3.06 -18.57
N ARG A 370 -6.11 3.50 -19.51
CA ARG A 370 -6.55 4.88 -19.67
C ARG A 370 -8.05 5.00 -19.43
N GLY A 371 -8.45 6.01 -18.67
CA GLY A 371 -9.85 6.20 -18.37
C GLY A 371 -10.13 7.05 -17.15
N HIS A 372 -9.28 6.94 -16.12
CA HIS A 372 -9.42 7.83 -14.98
C HIS A 372 -9.26 9.28 -15.41
N PHE A 373 -10.01 10.17 -14.75
CA PHE A 373 -9.89 11.59 -15.10
C PHE A 373 -9.37 12.44 -13.94
N ASN A 374 -8.76 11.82 -12.93
CA ASN A 374 -7.98 12.54 -11.93
C ASN A 374 -6.86 11.61 -11.46
N ASN A 375 -6.06 12.10 -10.52
CA ASN A 375 -4.95 11.32 -9.97
C ASN A 375 -5.42 9.92 -9.59
N VAL A 376 -4.62 8.92 -9.94
CA VAL A 376 -4.89 7.55 -9.50
C VAL A 376 -4.13 7.34 -8.19
N SER A 377 -4.87 7.01 -7.13
CA SER A 377 -4.31 6.94 -5.79
C SER A 377 -3.69 5.59 -5.51
N CYS A 378 -4.18 4.53 -6.13
CA CYS A 378 -3.84 3.18 -5.72
C CYS A 378 -4.22 2.22 -6.83
N CYS A 379 -3.54 1.08 -6.86
CA CYS A 379 -3.80 0.04 -7.85
C CYS A 379 -3.35 -1.30 -7.28
N LEU A 380 -3.98 -2.37 -7.75
CA LEU A 380 -3.56 -3.71 -7.33
C LEU A 380 -3.99 -4.73 -8.38
N PHE A 381 -3.37 -5.91 -8.30
CA PHE A 381 -3.79 -7.07 -9.08
C PHE A 381 -4.86 -7.86 -8.33
N HIS A 382 -5.95 -8.19 -9.00
CA HIS A 382 -6.87 -9.19 -8.46
C HIS A 382 -6.10 -10.49 -8.26
N PRO A 383 -6.07 -11.06 -7.06
CA PRO A 383 -5.27 -12.29 -6.85
C PRO A 383 -5.89 -13.52 -7.46
N HIS A 384 -7.16 -13.49 -7.83
CA HIS A 384 -7.86 -14.71 -8.20
C HIS A 384 -8.52 -14.64 -9.57
N GLN A 385 -8.47 -13.48 -10.22
CA GLN A 385 -8.98 -13.31 -11.57
C GLN A 385 -7.96 -12.51 -12.35
N GLU A 386 -8.01 -12.63 -13.69
CA GLU A 386 -7.09 -11.90 -14.56
C GLU A 386 -7.57 -10.47 -14.74
N LEU A 387 -7.50 -9.70 -13.63
CA LEU A 387 -8.05 -8.36 -13.56
C LEU A 387 -7.11 -7.42 -12.82
N ILE A 388 -7.19 -6.14 -13.19
CA ILE A 388 -6.50 -5.03 -12.53
C ILE A 388 -7.54 -4.15 -11.86
N LEU A 389 -7.23 -3.66 -10.65
CA LEU A 389 -8.10 -2.72 -9.95
C LEU A 389 -7.35 -1.43 -9.66
N SER A 390 -8.04 -0.30 -9.83
CA SER A 390 -7.46 0.99 -9.49
C SER A 390 -8.50 1.86 -8.81
N ALA A 391 -8.02 2.86 -8.06
CA ALA A 391 -8.90 3.76 -7.31
C ALA A 391 -8.39 5.18 -7.43
N SER A 392 -9.29 6.16 -7.54
CA SER A 392 -8.82 7.47 -7.99
C SER A 392 -9.55 8.61 -7.28
N GLU A 393 -8.90 9.78 -7.31
CA GLU A 393 -9.52 11.03 -6.88
C GLU A 393 -10.66 11.45 -7.79
N ASP A 394 -10.84 10.79 -8.93
CA ASP A 394 -12.00 11.05 -9.78
C ASP A 394 -13.26 10.38 -9.25
N LYS A 395 -13.20 9.83 -8.02
CA LYS A 395 -14.32 9.25 -7.30
C LYS A 395 -14.73 7.88 -7.84
N THR A 396 -13.83 7.18 -8.52
CA THR A 396 -14.15 5.87 -9.06
C THR A 396 -13.13 4.81 -8.65
N ILE A 397 -13.63 3.59 -8.58
CA ILE A 397 -12.85 2.36 -8.61
C ILE A 397 -13.06 1.75 -9.98
N ARG A 398 -11.99 1.39 -10.66
CA ARG A 398 -12.10 0.84 -12.01
C ARG A 398 -11.49 -0.55 -12.04
N VAL A 399 -12.15 -1.43 -12.78
CA VAL A 399 -11.71 -2.80 -13.03
C VAL A 399 -11.36 -2.90 -14.50
N TRP A 400 -10.20 -3.51 -14.78
CA TRP A 400 -9.61 -3.59 -16.10
C TRP A 400 -9.19 -5.02 -16.40
N ASP A 401 -9.20 -5.37 -17.69
CA ASP A 401 -8.76 -6.68 -18.11
C ASP A 401 -7.23 -6.75 -18.05
N LEU A 402 -6.70 -7.79 -17.38
CA LEU A 402 -5.25 -7.89 -17.23
C LEU A 402 -4.56 -8.12 -18.58
N ASN A 403 -5.20 -8.86 -19.49
CA ASN A 403 -4.58 -9.23 -20.75
C ASN A 403 -4.78 -8.17 -21.84
N ARG A 404 -5.88 -7.43 -21.79
CA ARG A 404 -6.18 -6.42 -22.80
C ARG A 404 -6.04 -4.99 -22.31
N ARG A 405 -6.11 -4.77 -21.00
CA ARG A 405 -6.05 -3.43 -20.39
C ARG A 405 -7.24 -2.58 -20.78
N THR A 406 -8.33 -3.23 -21.18
CA THR A 406 -9.56 -2.53 -21.50
C THR A 406 -10.43 -2.43 -20.25
N ALA A 407 -11.34 -1.46 -20.26
CA ALA A 407 -12.23 -1.27 -19.13
C ALA A 407 -13.17 -2.46 -18.99
N VAL A 408 -13.30 -2.96 -17.76
CA VAL A 408 -14.25 -4.02 -17.44
C VAL A 408 -15.45 -3.46 -16.68
N GLN A 409 -15.21 -2.59 -15.71
CA GLN A 409 -16.30 -2.04 -14.92
C GLN A 409 -15.82 -0.79 -14.20
N THR A 410 -16.72 0.17 -14.00
CA THR A 410 -16.42 1.37 -13.23
C THR A 410 -17.46 1.51 -12.12
N PHE A 411 -17.00 1.72 -10.90
CA PHE A 411 -17.85 2.00 -9.76
C PHE A 411 -17.58 3.42 -9.30
N ARG A 412 -18.65 4.17 -9.02
CA ARG A 412 -18.51 5.58 -8.70
C ARG A 412 -19.20 5.86 -7.38
N ARG A 413 -18.67 6.84 -6.67
CA ARG A 413 -19.35 7.46 -5.55
C ARG A 413 -19.61 8.91 -5.91
N ASP A 414 -20.71 9.46 -5.41
CA ASP A 414 -21.11 10.80 -5.85
C ASP A 414 -20.19 11.88 -5.29
N ASN A 415 -19.78 11.75 -4.03
CA ASN A 415 -19.11 12.84 -3.31
C ASN A 415 -17.73 12.49 -2.78
N ASP A 416 -17.26 11.27 -2.94
CA ASP A 416 -16.09 10.78 -2.21
C ASP A 416 -14.99 10.39 -3.18
N ARG A 417 -13.83 11.03 -3.03
CA ARG A 417 -12.62 10.58 -3.70
C ARG A 417 -12.10 9.31 -3.02
N PHE A 418 -11.49 8.42 -3.80
CA PHE A 418 -10.88 7.20 -3.26
C PHE A 418 -9.39 7.40 -3.07
N TRP A 419 -8.87 6.88 -1.95
CA TRP A 419 -7.48 7.05 -1.57
C TRP A 419 -6.69 5.74 -1.56
N PHE A 420 -7.36 4.59 -1.48
CA PHE A 420 -6.64 3.36 -1.23
C PHE A 420 -7.56 2.19 -1.50
N ILE A 421 -7.00 1.11 -2.02
CA ILE A 421 -7.72 -0.16 -2.13
C ILE A 421 -6.77 -1.27 -1.73
N THR A 422 -7.34 -2.32 -1.14
CA THR A 422 -6.56 -3.48 -0.74
C THR A 422 -7.42 -4.74 -0.92
N VAL A 423 -6.77 -5.88 -0.95
CA VAL A 423 -7.45 -7.16 -1.10
C VAL A 423 -7.02 -8.08 0.03
N HIS A 424 -7.96 -8.91 0.50
CA HIS A 424 -7.68 -9.87 1.55
C HIS A 424 -6.67 -10.89 1.06
N PRO A 425 -5.75 -11.35 1.92
CA PRO A 425 -4.76 -12.36 1.48
C PRO A 425 -5.37 -13.67 1.00
N LYS A 426 -6.61 -13.99 1.36
CA LYS A 426 -7.23 -15.27 1.02
C LYS A 426 -8.52 -15.12 0.24
N LEU A 427 -9.39 -14.21 0.66
CA LEU A 427 -10.75 -14.14 0.18
C LEU A 427 -10.87 -13.19 -1.01
N ASN A 428 -11.90 -13.42 -1.83
CA ASN A 428 -12.38 -12.45 -2.83
C ASN A 428 -13.06 -11.35 -2.03
N LEU A 429 -12.24 -10.50 -1.42
CA LEU A 429 -12.75 -9.48 -0.52
C LEU A 429 -11.82 -8.29 -0.61
N PHE A 430 -12.38 -7.14 -0.94
CA PHE A 430 -11.64 -5.91 -1.17
C PHE A 430 -12.09 -4.85 -0.18
N ALA A 431 -11.22 -3.90 0.09
CA ALA A 431 -11.60 -2.72 0.87
C ALA A 431 -11.11 -1.48 0.15
N ALA A 432 -11.89 -0.41 0.26
CA ALA A 432 -11.54 0.86 -0.36
C ALA A 432 -11.76 1.97 0.66
N ALA A 433 -10.78 2.86 0.79
CA ALA A 433 -10.84 4.00 1.69
C ALA A 433 -11.18 5.24 0.89
N HIS A 434 -12.11 6.06 1.40
CA HIS A 434 -12.55 7.24 0.67
C HIS A 434 -12.88 8.36 1.66
N ASP A 435 -13.34 9.50 1.11
CA ASP A 435 -13.52 10.71 1.90
C ASP A 435 -14.52 10.55 3.03
N SER A 436 -15.38 9.55 2.98
CA SER A 436 -16.42 9.37 3.98
C SER A 436 -16.31 8.05 4.73
N GLY A 437 -15.17 7.35 4.65
CA GLY A 437 -15.15 6.08 5.35
C GLY A 437 -14.57 4.97 4.51
N VAL A 438 -14.97 3.72 4.75
CA VAL A 438 -14.36 2.55 4.11
C VAL A 438 -15.48 1.61 3.68
N MET A 439 -15.30 0.97 2.52
CA MET A 439 -16.20 -0.07 2.06
C MET A 439 -15.44 -1.38 1.93
N VAL A 440 -16.09 -2.47 2.33
CA VAL A 440 -15.56 -3.81 2.13
C VAL A 440 -16.55 -4.52 1.20
N PHE A 441 -16.04 -5.13 0.13
CA PHE A 441 -16.94 -5.66 -0.88
C PHE A 441 -16.33 -6.86 -1.58
N LYS A 442 -17.20 -7.70 -2.12
CA LYS A 442 -16.86 -8.74 -3.07
C LYS A 442 -17.11 -8.21 -4.48
N LEU A 443 -16.38 -8.75 -5.45
CA LEU A 443 -16.63 -8.43 -6.85
C LEU A 443 -17.17 -9.67 -7.53
N GLU A 444 -18.33 -9.55 -8.15
CA GLU A 444 -18.96 -10.69 -8.84
C GLU A 444 -19.15 -10.38 -10.32
N SER B 4 0.16 18.47 -4.08
CA SER B 4 0.84 18.43 -2.79
C SER B 4 0.69 17.06 -2.11
N HIS B 5 -0.35 16.33 -2.52
CA HIS B 5 -0.73 15.06 -1.90
C HIS B 5 -0.88 15.17 -0.39
N GLU B 6 -1.39 16.33 0.05
CA GLU B 6 -1.68 16.51 1.47
C GLU B 6 -2.99 15.84 1.87
N ASP B 7 -3.92 15.64 0.94
CA ASP B 7 -5.24 15.16 1.36
C ASP B 7 -5.18 13.68 1.70
#